data_5GGQ
#
_entry.id   5GGQ
#
_cell.length_a   88.342
_cell.length_b   88.342
_cell.length_c   215.237
_cell.angle_alpha   90.00
_cell.angle_beta   90.00
_cell.angle_gamma   120.00
#
_symmetry.space_group_name_H-M   'P 65 2 2'
#
loop_
_entity.id
_entity.type
_entity.pdbx_description
1 polymer 'nivolumab light chain'
2 polymer 'nivolumab heavy chain'
3 water water
#
loop_
_entity_poly.entity_id
_entity_poly.type
_entity_poly.pdbx_seq_one_letter_code
_entity_poly.pdbx_strand_id
1 'polypeptide(L)'
;EIVLTQSPATLSLSPGERATLSCRASQSVSSYLAWYQQKPGQAPRLLIYDASNRATGIPARFSGSGSGTDFTLTISSLEP
EDFAVYYCQQSSNWPRTFGQGTKVEIKRTVAAPSVFIFPPSDEQLKSGTASVVCLLNNFYPREAKVQWKVDNALQSGNSQ
ESVTEQDSKDSTYSLSSTLTLSKADYEKHKVYACEVTHQGLSSPVTKSFNRGEC
;
L
2 'polypeptide(L)'
;QVQLVESGGGVVQPGRSLRLDCKASGITFSNSGMHWVRQAPGKGLEWVAVIWYDGSKRYYADSVKGRFTISRDNSKNTLF
LQMNSLRAEDTAVYYCATNDDYWGQGTLVTVSSASTKGPSVFPLAPSSKSTSGGTAALGCLVKDYFPEPVTVSWNSGALT
SGVHTFPAVLQSSGLYSLSSVVTVPSSSLGTQTYICNVNHKPSNTKVDKKVEPKSCDKTHHHHHH
;
H
#
# COMPACT_ATOMS: atom_id res chain seq x y z
N GLU A 1 -25.09 14.79 8.50
CA GLU A 1 -23.92 14.33 9.23
C GLU A 1 -22.92 15.45 9.39
N ILE A 2 -21.98 15.30 10.31
CA ILE A 2 -20.96 16.32 10.49
C ILE A 2 -19.82 16.13 9.49
N VAL A 3 -19.65 17.12 8.63
CA VAL A 3 -18.64 17.06 7.57
C VAL A 3 -17.32 17.61 8.08
N LEU A 4 -16.26 16.83 7.91
CA LEU A 4 -14.91 17.23 8.29
C LEU A 4 -14.08 17.51 7.03
N THR A 5 -13.52 18.71 6.96
CA THR A 5 -12.71 19.10 5.81
C THR A 5 -11.27 19.32 6.23
N GLN A 6 -10.35 18.54 5.69
CA GLN A 6 -8.95 18.70 6.06
C GLN A 6 -8.23 19.55 5.02
N SER A 7 -7.24 20.31 5.47
CA SER A 7 -6.36 21.04 4.54
C SER A 7 -4.93 21.09 5.09
N PRO A 8 -3.93 21.18 4.20
CA PRO A 8 -4.09 21.08 2.74
C PRO A 8 -4.27 19.62 2.36
N ALA A 9 -4.55 19.30 1.10
CA ALA A 9 -4.72 17.90 0.70
C ALA A 9 -3.40 17.17 0.76
N THR A 10 -2.34 17.88 0.44
CA THR A 10 -0.99 17.33 0.46
C THR A 10 -0.06 18.36 1.05
N LEU A 11 0.86 17.90 1.89
CA LEU A 11 1.83 18.77 2.51
C LEU A 11 3.20 18.16 2.29
N SER A 12 4.12 18.93 1.75
CA SER A 12 5.44 18.38 1.41
C SER A 12 6.52 19.18 2.11
N LEU A 13 7.16 18.57 3.09
CA LEU A 13 8.11 19.28 3.96
C LEU A 13 9.35 18.45 4.23
N SER A 14 10.45 19.13 4.53
CA SER A 14 11.73 18.50 4.80
C SER A 14 11.80 18.03 6.24
N PRO A 15 12.60 16.99 6.51
CA PRO A 15 12.78 16.57 7.90
C PRO A 15 13.30 17.73 8.74
N GLY A 16 12.77 17.87 9.95
CA GLY A 16 13.15 18.96 10.83
C GLY A 16 12.19 20.14 10.75
N GLU A 17 11.40 20.20 9.69
CA GLU A 17 10.43 21.26 9.56
C GLU A 17 9.23 21.04 10.48
N ARG A 18 8.56 22.13 10.81
CA ARG A 18 7.31 22.11 11.55
C ARG A 18 6.15 21.94 10.58
N ALA A 19 5.27 20.99 10.88
CA ALA A 19 4.13 20.70 10.01
C ALA A 19 2.85 21.05 10.72
N THR A 20 1.94 21.73 10.03
CA THR A 20 0.68 22.16 10.62
C THR A 20 -0.48 21.70 9.74
N LEU A 21 -1.29 20.79 10.28
CA LEU A 21 -2.43 20.19 9.54
C LEU A 21 -3.74 20.71 10.12
N SER A 22 -4.70 21.03 9.24
CA SER A 22 -5.96 21.63 9.69
C SER A 22 -7.14 20.68 9.50
N CYS A 23 -8.12 20.79 10.38
CA CYS A 23 -9.37 20.05 10.25
C CYS A 23 -10.50 20.98 10.64
N ARG A 24 -11.49 21.14 9.76
CA ARG A 24 -12.63 22.01 10.05
C ARG A 24 -13.93 21.22 10.03
N ALA A 25 -14.76 21.41 11.04
CA ALA A 25 -16.03 20.70 11.10
C ALA A 25 -17.18 21.63 10.68
N SER A 26 -18.22 21.06 10.05
CA SER A 26 -19.35 21.86 9.55
C SER A 26 -20.22 22.37 10.69
N GLN A 27 -20.12 21.70 11.81
CA GLN A 27 -20.69 22.20 13.07
C GLN A 27 -19.83 21.84 14.26
N SER A 28 -20.08 22.48 15.41
CA SER A 28 -19.28 22.26 16.59
C SER A 28 -19.29 20.79 16.97
N VAL A 29 -18.11 20.26 17.25
CA VAL A 29 -18.02 18.92 17.81
C VAL A 29 -17.40 19.03 19.20
N SER A 30 -17.46 20.24 19.77
CA SER A 30 -16.76 20.53 21.03
C SER A 30 -15.30 20.05 20.94
N SER A 31 -14.88 19.19 21.86
CA SER A 31 -13.51 18.66 21.77
C SER A 31 -13.45 17.19 21.37
N TYR A 32 -14.55 16.66 20.84
CA TYR A 32 -14.62 15.25 20.46
C TYR A 32 -14.01 15.03 19.08
N LEU A 33 -12.68 15.18 19.02
CA LEU A 33 -12.00 15.17 17.73
C LEU A 33 -10.65 14.47 17.92
N ALA A 34 -10.40 13.45 17.11
CA ALA A 34 -9.16 12.69 17.22
C ALA A 34 -8.38 12.74 15.92
N TRP A 35 -7.06 12.58 16.03
CA TRP A 35 -6.19 12.51 14.85
C TRP A 35 -5.56 11.14 14.75
N TYR A 36 -5.45 10.62 13.53
CA TYR A 36 -4.84 9.33 13.24
C TYR A 36 -3.74 9.46 12.21
N GLN A 37 -2.74 8.59 12.34
CA GLN A 37 -1.70 8.45 11.34
C GLN A 37 -1.86 7.12 10.62
N GLN A 38 -1.81 7.13 9.29
CA GLN A 38 -1.82 5.85 8.58
C GLN A 38 -0.67 5.76 7.57
N LYS A 39 0.29 4.90 7.91
CA LYS A 39 1.44 4.67 7.05
C LYS A 39 1.06 3.62 6.00
N PRO A 40 1.79 3.59 4.88
CA PRO A 40 1.48 2.66 3.79
C PRO A 40 1.37 1.21 4.27
N GLY A 41 0.27 0.56 3.91
CA GLY A 41 0.11 -0.86 4.19
C GLY A 41 -0.24 -1.15 5.64
N GLN A 42 -0.49 -0.11 6.43
CA GLN A 42 -0.78 -0.30 7.84
C GLN A 42 -2.16 0.19 8.25
N ALA A 43 -2.64 -0.32 9.37
CA ALA A 43 -3.82 0.20 10.01
C ALA A 43 -3.57 1.61 10.54
N PRO A 44 -4.63 2.43 10.65
CA PRO A 44 -4.49 3.75 11.28
C PRO A 44 -4.06 3.62 12.72
N ARG A 45 -3.38 4.64 13.25
CA ARG A 45 -2.94 4.66 14.62
C ARG A 45 -3.37 5.97 15.29
N LEU A 46 -3.96 5.88 16.48
CA LEU A 46 -4.39 7.09 17.16
C LEU A 46 -3.17 7.93 17.61
N LEU A 47 -3.18 9.21 17.26
CA LEU A 47 -2.15 10.15 17.72
C LEU A 47 -2.62 11.00 18.88
N ILE A 48 -3.79 11.60 18.68
CA ILE A 48 -4.32 12.66 19.55
C ILE A 48 -5.80 12.39 19.76
N TYR A 49 -6.27 12.45 21.01
CA TYR A 49 -7.70 12.29 21.26
C TYR A 49 -8.22 13.46 22.07
N ASP A 50 -9.54 13.68 22.06
CA ASP A 50 -10.14 14.83 22.73
C ASP A 50 -9.44 16.14 22.33
N ALA A 51 -9.11 16.25 21.03
CA ALA A 51 -8.49 17.42 20.41
C ALA A 51 -7.01 17.66 20.75
N SER A 52 -6.60 17.39 21.99
CA SER A 52 -5.28 17.83 22.42
C SER A 52 -4.54 16.87 23.37
N ASN A 53 -5.10 15.70 23.61
CA ASN A 53 -4.43 14.71 24.47
C ASN A 53 -3.62 13.70 23.65
N ARG A 54 -2.33 13.55 23.95
CA ARG A 54 -1.47 12.62 23.22
C ARG A 54 -1.76 11.18 23.62
N ALA A 55 -1.93 10.28 22.64
CA ALA A 55 -2.24 8.89 22.99
C ALA A 55 -1.00 8.16 23.47
N THR A 56 -1.21 6.96 24.00
CA THR A 56 -0.13 6.13 24.51
C THR A 56 0.95 5.82 23.50
N GLY A 57 2.20 6.02 23.88
CA GLY A 57 3.32 5.65 23.03
C GLY A 57 3.57 6.61 21.88
N ILE A 58 2.83 7.70 21.84
CA ILE A 58 3.01 8.69 20.78
C ILE A 58 4.10 9.69 21.14
N PRO A 59 5.05 9.92 20.20
CA PRO A 59 6.19 10.83 20.42
C PRO A 59 5.77 12.26 20.74
N ALA A 60 6.60 12.99 21.50
CA ALA A 60 6.26 14.33 21.97
C ALA A 60 6.14 15.36 20.83
N ARG A 61 6.71 15.07 19.67
CA ARG A 61 6.64 16.01 18.55
C ARG A 61 5.22 16.15 18.00
N PHE A 62 4.32 15.24 18.37
CA PHE A 62 2.93 15.37 17.94
C PHE A 62 2.12 16.10 19.00
N SER A 63 1.35 17.10 18.58
CA SER A 63 0.42 17.77 19.49
C SER A 63 -0.81 18.22 18.73
N GLY A 64 -1.89 18.49 19.45
CA GLY A 64 -3.13 18.93 18.82
C GLY A 64 -3.77 20.06 19.58
N SER A 65 -4.58 20.83 18.89
CA SER A 65 -5.22 21.98 19.50
C SER A 65 -6.54 22.27 18.82
N GLY A 66 -7.44 22.94 19.55
CA GLY A 66 -8.68 23.35 18.96
C GLY A 66 -9.90 22.84 19.70
N SER A 67 -11.03 23.47 19.41
CA SER A 67 -12.31 23.09 19.97
C SER A 67 -13.38 23.67 19.06
N GLY A 68 -14.60 23.18 19.16
CA GLY A 68 -15.67 23.71 18.33
C GLY A 68 -15.57 23.24 16.89
N THR A 69 -15.13 24.12 15.99
CA THR A 69 -15.10 23.76 14.58
C THR A 69 -13.72 23.76 13.93
N ASP A 70 -12.72 24.33 14.59
CA ASP A 70 -11.38 24.43 14.01
C ASP A 70 -10.34 23.66 14.80
N PHE A 71 -9.58 22.80 14.13
CA PHE A 71 -8.61 21.94 14.82
C PHE A 71 -7.30 21.88 14.06
N THR A 72 -6.22 21.69 14.80
CA THR A 72 -4.89 21.63 14.22
C THR A 72 -4.10 20.48 14.81
N LEU A 73 -3.42 19.73 13.95
CA LEU A 73 -2.41 18.75 14.36
C LEU A 73 -1.05 19.33 13.97
N THR A 74 -0.14 19.40 14.93
CA THR A 74 1.20 19.92 14.69
C THR A 74 2.24 18.82 14.87
N ILE A 75 3.15 18.72 13.92
CA ILE A 75 4.35 17.91 14.09
C ILE A 75 5.49 18.92 14.23
N SER A 76 6.07 19.00 15.42
CA SER A 76 6.95 20.11 15.72
C SER A 76 8.28 19.99 14.97
N SER A 77 8.65 18.77 14.63
CA SER A 77 9.90 18.53 13.90
C SER A 77 9.77 17.22 13.16
N LEU A 78 9.55 17.30 11.84
CA LEU A 78 9.15 16.17 11.04
C LEU A 78 10.30 15.17 10.87
N GLU A 79 9.95 13.89 10.82
CA GLU A 79 10.90 12.82 10.56
C GLU A 79 10.50 12.05 9.31
N PRO A 80 11.48 11.43 8.63
CA PRO A 80 11.14 10.61 7.47
C PRO A 80 10.06 9.57 7.77
N GLU A 81 10.06 8.99 8.98
CA GLU A 81 9.07 7.96 9.32
C GLU A 81 7.65 8.52 9.39
N ASP A 82 7.51 9.84 9.41
CA ASP A 82 6.18 10.47 9.49
C ASP A 82 5.46 10.52 8.14
N PHE A 83 6.10 9.99 7.10
CA PHE A 83 5.43 9.83 5.81
C PHE A 83 4.17 9.00 6.00
N ALA A 84 3.01 9.59 5.74
CA ALA A 84 1.74 8.95 6.03
C ALA A 84 0.58 9.83 5.59
N VAL A 85 -0.62 9.28 5.64
CA VAL A 85 -1.82 10.07 5.51
C VAL A 85 -2.40 10.27 6.92
N TYR A 86 -2.78 11.50 7.22
CA TYR A 86 -3.31 11.85 8.54
C TYR A 86 -4.78 12.17 8.42
N TYR A 87 -5.59 11.59 9.31
CA TYR A 87 -7.03 11.78 9.29
C TYR A 87 -7.52 12.35 10.62
N CYS A 88 -8.58 13.17 10.58
CA CYS A 88 -9.30 13.54 11.80
C CYS A 88 -10.60 12.77 11.81
N GLN A 89 -11.15 12.56 13.01
CA GLN A 89 -12.44 11.86 13.17
C GLN A 89 -13.20 12.53 14.32
N GLN A 90 -14.47 12.84 14.11
CA GLN A 90 -15.28 13.40 15.20
C GLN A 90 -16.12 12.29 15.85
N SER A 91 -16.33 12.41 17.16
CA SER A 91 -17.11 11.42 17.90
C SER A 91 -18.17 12.14 18.74
N SER A 92 -18.61 13.29 18.22
CA SER A 92 -19.66 14.10 18.83
C SER A 92 -21.02 13.49 18.58
N ASN A 93 -21.20 12.89 17.41
CA ASN A 93 -22.45 12.16 17.18
C ASN A 93 -22.32 11.10 16.11
N TRP A 94 -23.45 10.47 15.81
CA TRP A 94 -23.52 9.41 14.82
C TRP A 94 -24.12 9.95 13.54
N PRO A 95 -23.59 9.53 12.39
CA PRO A 95 -22.50 8.56 12.21
C PRO A 95 -21.16 9.17 12.56
N ARG A 96 -20.20 8.38 13.02
CA ARG A 96 -18.83 8.87 13.12
C ARG A 96 -18.39 9.29 11.72
N THR A 97 -17.69 10.41 11.61
CA THR A 97 -17.19 10.86 10.31
C THR A 97 -15.70 11.19 10.37
N PHE A 98 -15.03 11.01 9.22
CA PHE A 98 -13.60 11.27 9.07
C PHE A 98 -13.39 12.39 8.07
N GLY A 99 -12.29 13.12 8.19
CA GLY A 99 -11.86 13.98 7.13
C GLY A 99 -11.33 13.11 6.01
N GLN A 100 -11.03 13.75 4.88
CA GLN A 100 -10.61 13.04 3.69
C GLN A 100 -9.13 12.70 3.72
N GLY A 101 -8.44 13.17 4.75
CA GLY A 101 -7.03 12.90 4.90
C GLY A 101 -6.12 13.96 4.33
N THR A 102 -4.96 14.13 4.96
CA THR A 102 -3.89 14.96 4.41
C THR A 102 -2.66 14.08 4.24
N LYS A 103 -2.15 13.99 3.03
CA LYS A 103 -0.94 13.21 2.81
C LYS A 103 0.29 14.08 3.09
N VAL A 104 1.12 13.60 4.00
CA VAL A 104 2.34 14.31 4.35
C VAL A 104 3.48 13.62 3.62
N GLU A 105 4.10 14.34 2.69
CA GLU A 105 5.21 13.79 1.92
C GLU A 105 6.50 14.43 2.40
N ILE A 106 7.61 13.70 2.26
CA ILE A 106 8.88 14.18 2.80
C ILE A 106 9.76 14.75 1.69
N LYS A 107 10.13 16.02 1.85
CA LYS A 107 11.03 16.70 0.90
C LYS A 107 12.50 16.50 1.22
N ARG A 108 13.08 15.42 0.72
CA ARG A 108 14.51 15.21 0.94
C ARG A 108 15.34 15.85 -0.18
N THR A 109 16.63 15.61 -0.15
CA THR A 109 17.53 16.22 -1.13
C THR A 109 17.68 15.32 -2.35
N VAL A 110 18.23 15.88 -3.43
CA VAL A 110 18.28 15.18 -4.70
C VAL A 110 19.19 13.97 -4.63
N ALA A 111 18.69 12.84 -5.12
CA ALA A 111 19.42 11.56 -5.11
C ALA A 111 19.25 10.88 -6.45
N ALA A 112 20.37 10.53 -7.10
CA ALA A 112 20.34 9.95 -8.42
C ALA A 112 19.94 8.48 -8.35
N PRO A 113 19.26 7.98 -9.40
CA PRO A 113 18.89 6.57 -9.41
C PRO A 113 20.08 5.65 -9.70
N SER A 114 20.12 4.49 -9.06
CA SER A 114 20.93 3.39 -9.57
C SER A 114 20.09 2.65 -10.59
N VAL A 115 20.64 2.40 -11.77
CA VAL A 115 19.85 1.83 -12.86
C VAL A 115 20.31 0.41 -13.18
N PHE A 116 19.34 -0.48 -13.37
CA PHE A 116 19.59 -1.91 -13.67
C PHE A 116 18.69 -2.33 -14.83
N ILE A 117 19.19 -3.15 -15.76
CA ILE A 117 18.34 -3.68 -16.82
C ILE A 117 18.26 -5.20 -16.76
N PHE A 118 17.07 -5.75 -17.01
CA PHE A 118 16.85 -7.20 -16.98
C PHE A 118 16.33 -7.70 -18.32
N PRO A 119 17.04 -8.66 -18.93
CA PRO A 119 16.53 -9.33 -20.13
C PRO A 119 15.33 -10.22 -19.81
N PRO A 120 14.52 -10.56 -20.81
CA PRO A 120 13.46 -11.56 -20.66
C PRO A 120 14.06 -12.89 -20.26
N SER A 121 13.35 -13.69 -19.46
CA SER A 121 13.94 -14.93 -18.97
C SER A 121 13.54 -16.14 -19.80
N ASP A 122 14.34 -17.19 -19.63
CA ASP A 122 13.99 -18.58 -19.88
C ASP A 122 12.56 -18.84 -20.29
N GLU A 123 11.76 -19.10 -19.26
CA GLU A 123 10.36 -19.52 -19.32
C GLU A 123 9.42 -18.56 -20.02
N GLN A 124 9.53 -17.27 -19.71
CA GLN A 124 8.55 -16.29 -20.21
C GLN A 124 8.41 -16.40 -21.70
N LEU A 125 9.53 -16.62 -22.35
CA LEU A 125 9.60 -16.61 -23.79
C LEU A 125 8.97 -17.91 -24.38
N LYS A 126 8.78 -18.94 -23.57
CA LYS A 126 8.03 -20.13 -23.99
C LYS A 126 6.60 -19.72 -24.36
N SER A 127 5.99 -18.87 -23.54
CA SER A 127 4.78 -18.17 -23.93
C SER A 127 5.20 -17.07 -24.90
N GLY A 128 4.35 -16.72 -25.86
CA GLY A 128 4.76 -15.84 -26.94
C GLY A 128 5.06 -14.37 -26.64
N THR A 129 5.62 -14.07 -25.46
CA THR A 129 5.84 -12.67 -25.09
C THR A 129 7.16 -12.41 -24.35
N ALA A 130 7.73 -11.23 -24.57
CA ALA A 130 9.00 -10.83 -23.96
C ALA A 130 8.90 -9.56 -23.11
N SER A 131 9.25 -9.68 -21.83
CA SER A 131 9.26 -8.50 -20.97
C SER A 131 10.68 -8.14 -20.54
N VAL A 132 11.12 -6.95 -20.91
CA VAL A 132 12.43 -6.47 -20.48
C VAL A 132 12.18 -5.33 -19.50
N VAL A 133 12.87 -5.39 -18.37
CA VAL A 133 12.59 -4.50 -17.25
C VAL A 133 13.76 -3.60 -16.94
N CYS A 134 13.47 -2.32 -16.78
CA CYS A 134 14.45 -1.35 -16.36
C CYS A 134 14.12 -0.88 -14.95
N LEU A 135 15.08 -1.01 -14.04
CA LEU A 135 14.88 -0.61 -12.65
C LEU A 135 15.66 0.65 -12.33
N LEU A 136 14.96 1.64 -11.77
CA LEU A 136 15.57 2.86 -11.22
C LEU A 136 15.42 2.82 -9.72
N ASN A 137 16.52 2.75 -8.99
CA ASN A 137 16.42 2.43 -7.56
C ASN A 137 16.87 3.56 -6.65
N ASN A 138 16.05 3.83 -5.63
CA ASN A 138 16.39 4.77 -4.55
C ASN A 138 16.80 6.14 -5.03
N PHE A 139 15.83 6.88 -5.58
CA PHE A 139 16.10 8.21 -6.10
C PHE A 139 15.08 9.25 -5.64
N TYR A 140 15.38 10.53 -5.91
CA TYR A 140 14.52 11.65 -5.51
C TYR A 140 14.95 12.90 -6.30
N PRO A 141 14.00 13.68 -6.84
CA PRO A 141 12.54 13.55 -6.73
C PRO A 141 11.95 12.45 -7.59
N ARG A 142 10.62 12.36 -7.55
CA ARG A 142 9.92 11.26 -8.19
C ARG A 142 10.00 11.30 -9.72
N GLU A 143 10.00 12.51 -10.27
CA GLU A 143 10.05 12.70 -11.71
C GLU A 143 11.32 12.11 -12.28
N ALA A 144 11.17 11.24 -13.27
CA ALA A 144 12.31 10.65 -13.97
C ALA A 144 11.88 10.33 -15.37
N LYS A 145 12.79 10.42 -16.33
CA LYS A 145 12.45 10.10 -17.70
C LYS A 145 13.22 8.87 -18.12
N VAL A 146 12.47 7.88 -18.59
CA VAL A 146 13.03 6.63 -19.04
C VAL A 146 12.72 6.42 -20.52
N GLN A 147 13.75 6.20 -21.33
CA GLN A 147 13.54 5.98 -22.75
C GLN A 147 14.09 4.62 -23.15
N TRP A 148 13.29 3.86 -23.88
CA TRP A 148 13.73 2.57 -24.38
C TRP A 148 14.26 2.67 -25.81
N LYS A 149 15.39 2.04 -26.05
CA LYS A 149 15.98 2.01 -27.39
C LYS A 149 16.24 0.57 -27.82
N VAL A 150 15.75 0.22 -29.01
CA VAL A 150 16.11 -1.04 -29.62
C VAL A 150 16.85 -0.69 -30.92
N ASP A 151 18.14 -0.99 -30.98
CA ASP A 151 18.98 -0.58 -32.10
C ASP A 151 18.91 0.92 -32.31
N ASN A 152 19.02 1.66 -31.22
CA ASN A 152 18.96 3.12 -31.23
C ASN A 152 17.64 3.67 -31.74
N ALA A 153 16.63 2.80 -31.89
CA ALA A 153 15.30 3.26 -32.26
C ALA A 153 14.46 3.48 -31.01
N LEU A 154 14.03 4.71 -30.79
CA LEU A 154 13.24 5.05 -29.62
C LEU A 154 11.88 4.39 -29.67
N GLN A 155 11.46 3.80 -28.55
CA GLN A 155 10.20 3.07 -28.46
C GLN A 155 9.07 3.94 -27.92
N SER A 156 7.86 3.59 -28.29
CA SER A 156 6.67 4.31 -27.83
C SER A 156 5.47 3.38 -27.72
N GLY A 157 4.67 3.57 -26.67
CA GLY A 157 3.42 2.85 -26.52
C GLY A 157 3.56 1.40 -26.09
N ASN A 158 4.78 0.95 -25.88
CA ASN A 158 5.02 -0.45 -25.57
C ASN A 158 5.59 -0.67 -24.16
N SER A 159 5.56 0.36 -23.32
CA SER A 159 6.09 0.24 -21.97
C SER A 159 5.14 0.79 -20.92
N GLN A 160 5.24 0.22 -19.71
CA GLN A 160 4.47 0.67 -18.56
C GLN A 160 5.40 0.94 -17.39
N GLU A 161 5.09 1.96 -16.62
CA GLU A 161 5.88 2.30 -15.45
C GLU A 161 5.11 2.04 -14.17
N SER A 162 5.83 1.77 -13.08
CA SER A 162 5.24 1.69 -11.77
C SER A 162 6.22 2.26 -10.76
N VAL A 163 5.72 3.03 -9.81
CA VAL A 163 6.58 3.70 -8.84
C VAL A 163 6.15 3.38 -7.41
N THR A 164 7.12 3.11 -6.55
CA THR A 164 6.83 2.83 -5.15
C THR A 164 6.40 4.09 -4.40
N GLU A 165 5.81 3.90 -3.23
CA GLU A 165 5.64 4.99 -2.28
C GLU A 165 7.02 5.38 -1.76
N GLN A 166 7.11 6.59 -1.22
CA GLN A 166 8.27 7.10 -0.51
C GLN A 166 8.74 6.14 0.61
N ASP A 167 10.04 5.84 0.63
CA ASP A 167 10.61 4.96 1.66
C ASP A 167 10.52 5.62 3.04
N SER A 168 10.15 4.86 4.06
CA SER A 168 9.91 5.44 5.38
C SER A 168 11.20 5.85 6.10
N LYS A 169 12.31 5.24 5.71
CA LYS A 169 13.61 5.55 6.32
C LYS A 169 14.41 6.60 5.56
N ASP A 170 14.52 6.47 4.24
CA ASP A 170 15.35 7.42 3.48
C ASP A 170 14.56 8.33 2.53
N SER A 171 13.24 8.16 2.46
CA SER A 171 12.37 9.04 1.68
C SER A 171 12.60 9.03 0.17
N THR A 172 13.26 7.99 -0.35
CA THR A 172 13.46 7.87 -1.80
C THR A 172 12.35 7.05 -2.46
N TYR A 173 12.35 7.05 -3.78
CA TYR A 173 11.41 6.29 -4.58
C TYR A 173 12.20 5.25 -5.35
N SER A 174 11.54 4.19 -5.81
CA SER A 174 12.10 3.35 -6.86
C SER A 174 11.05 3.23 -7.96
N LEU A 175 11.49 2.91 -9.18
CA LEU A 175 10.59 2.90 -10.33
C LEU A 175 10.97 1.73 -11.23
N SER A 176 9.97 1.08 -11.80
CA SER A 176 10.23 0.08 -12.82
C SER A 176 9.61 0.54 -14.13
N SER A 177 10.27 0.22 -15.23
CA SER A 177 9.70 0.39 -16.56
C SER A 177 9.79 -0.95 -17.26
N THR A 178 8.67 -1.43 -17.78
CA THR A 178 8.65 -2.74 -18.43
C THR A 178 8.25 -2.56 -19.90
N LEU A 179 9.17 -2.93 -20.79
CA LEU A 179 8.93 -2.93 -22.22
C LEU A 179 8.40 -4.31 -22.59
N THR A 180 7.21 -4.36 -23.18
CA THR A 180 6.57 -5.64 -23.47
C THR A 180 6.46 -5.86 -24.95
N LEU A 181 7.11 -6.90 -25.45
CA LEU A 181 7.04 -7.20 -26.87
C LEU A 181 6.85 -8.69 -27.15
N SER A 182 6.35 -9.01 -28.35
CA SER A 182 6.13 -10.40 -28.72
C SER A 182 7.46 -11.14 -28.87
N LYS A 183 7.53 -12.39 -28.41
CA LYS A 183 8.77 -13.18 -28.39
C LYS A 183 9.49 -13.14 -29.72
N ALA A 184 8.70 -13.15 -30.79
CA ALA A 184 9.23 -13.19 -32.14
C ALA A 184 9.80 -11.83 -32.52
N ASP A 185 9.27 -10.75 -31.92
CA ASP A 185 9.86 -9.44 -32.17
C ASP A 185 11.11 -9.26 -31.30
N TYR A 186 11.20 -9.93 -30.16
CA TYR A 186 12.42 -9.85 -29.35
C TYR A 186 13.61 -10.61 -29.99
N GLU A 187 13.54 -10.89 -31.28
CA GLU A 187 14.65 -11.58 -31.93
C GLU A 187 14.92 -11.00 -33.33
N LYS A 188 14.09 -10.05 -33.74
CA LYS A 188 14.41 -9.23 -34.89
C LYS A 188 15.52 -8.22 -34.48
N HIS A 189 15.83 -8.17 -33.18
CA HIS A 189 16.77 -7.17 -32.67
C HIS A 189 17.76 -7.68 -31.62
N LYS A 190 18.89 -6.99 -31.53
CA LYS A 190 20.07 -7.38 -30.76
C LYS A 190 20.26 -6.50 -29.53
N VAL A 191 20.19 -5.19 -29.72
CA VAL A 191 20.58 -4.25 -28.66
C VAL A 191 19.37 -3.65 -27.94
N TYR A 192 19.31 -3.91 -26.63
CA TYR A 192 18.24 -3.38 -25.79
C TYR A 192 18.80 -2.45 -24.72
N ALA A 193 18.32 -1.21 -24.71
CA ALA A 193 18.86 -0.22 -23.79
C ALA A 193 17.77 0.61 -23.14
N CYS A 194 17.99 0.93 -21.87
CA CYS A 194 17.17 1.85 -21.10
C CYS A 194 18.00 3.10 -20.82
N GLU A 195 17.55 4.27 -21.25
CA GLU A 195 18.30 5.53 -20.99
C GLU A 195 17.53 6.42 -20.02
N VAL A 196 18.20 6.84 -18.94
CA VAL A 196 17.53 7.55 -17.84
C VAL A 196 18.04 8.97 -17.67
N THR A 197 17.10 9.91 -17.53
CA THR A 197 17.49 11.27 -17.18
C THR A 197 16.75 11.66 -15.91
N HIS A 198 17.41 12.41 -15.04
CA HIS A 198 16.86 12.69 -13.72
C HIS A 198 17.60 13.88 -13.14
N GLN A 199 16.98 14.60 -12.21
CA GLN A 199 17.60 15.80 -11.62
C GLN A 199 18.93 15.46 -10.95
N GLY A 200 19.06 14.24 -10.44
CA GLY A 200 20.27 13.81 -9.75
C GLY A 200 21.46 13.50 -10.63
N LEU A 201 21.24 13.31 -11.92
CA LEU A 201 22.32 12.96 -12.84
C LEU A 201 22.85 14.19 -13.58
N SER A 202 24.16 14.29 -13.76
CA SER A 202 24.72 15.37 -14.56
C SER A 202 24.67 15.00 -16.04
N SER A 203 24.55 13.71 -16.35
CA SER A 203 24.43 13.29 -17.74
C SER A 203 23.58 12.03 -17.80
N PRO A 204 22.93 11.78 -18.95
CA PRO A 204 22.04 10.61 -19.02
C PRO A 204 22.77 9.30 -18.74
N VAL A 205 22.10 8.37 -18.08
CA VAL A 205 22.69 7.06 -17.82
C VAL A 205 21.99 6.00 -18.64
N THR A 206 22.75 5.17 -19.34
CA THR A 206 22.19 4.12 -20.16
C THR A 206 22.68 2.75 -19.72
N LYS A 207 21.74 1.84 -19.52
CA LYS A 207 22.09 0.45 -19.25
C LYS A 207 21.60 -0.39 -20.41
N SER A 208 22.41 -1.33 -20.87
CA SER A 208 22.02 -2.12 -22.03
C SER A 208 22.47 -3.56 -21.97
N PHE A 209 21.94 -4.37 -22.89
CA PHE A 209 22.42 -5.73 -23.07
C PHE A 209 22.23 -6.16 -24.52
N ASN A 210 22.97 -7.19 -24.93
CA ASN A 210 22.87 -7.69 -26.28
C ASN A 210 22.09 -9.01 -26.31
N ARG A 211 21.34 -9.22 -27.39
CA ARG A 211 20.65 -10.48 -27.74
C ARG A 211 19.69 -10.91 -26.64
N VAL B 2 -2.14 -6.41 24.09
CA VAL B 2 -3.38 -6.01 23.44
C VAL B 2 -3.37 -6.30 21.95
N GLN B 3 -4.27 -7.17 21.51
CA GLN B 3 -4.26 -7.64 20.13
C GLN B 3 -5.68 -7.76 19.59
N LEU B 4 -5.89 -7.26 18.38
CA LEU B 4 -7.15 -7.42 17.67
C LEU B 4 -6.85 -8.14 16.35
N VAL B 5 -7.34 -9.36 16.19
CA VAL B 5 -6.99 -10.16 15.03
C VAL B 5 -8.22 -10.45 14.18
N GLU B 6 -8.21 -9.96 12.94
CA GLU B 6 -9.35 -10.12 12.06
C GLU B 6 -9.16 -11.27 11.09
N SER B 7 -10.29 -11.83 10.66
CA SER B 7 -10.30 -12.86 9.62
C SER B 7 -11.62 -12.81 8.85
N GLY B 8 -11.73 -13.63 7.80
CA GLY B 8 -12.99 -13.75 7.09
C GLY B 8 -12.99 -13.12 5.70
N GLY B 9 -12.00 -12.29 5.43
CA GLY B 9 -11.94 -11.61 4.14
C GLY B 9 -11.58 -12.53 2.99
N GLY B 10 -11.84 -12.07 1.77
CA GLY B 10 -11.56 -12.85 0.59
C GLY B 10 -12.26 -12.28 -0.62
N VAL B 11 -12.18 -12.99 -1.73
CA VAL B 11 -12.91 -12.62 -2.93
C VAL B 11 -14.30 -13.22 -2.88
N VAL B 12 -15.31 -12.42 -3.16
CA VAL B 12 -16.69 -12.86 -3.07
C VAL B 12 -17.43 -12.27 -4.25
N GLN B 13 -18.35 -13.02 -4.83
CA GLN B 13 -19.09 -12.48 -5.95
C GLN B 13 -20.19 -11.53 -5.46
N PRO B 14 -20.53 -10.53 -6.28
CA PRO B 14 -21.56 -9.56 -5.88
C PRO B 14 -22.87 -10.28 -5.58
N GLY B 15 -23.65 -9.76 -4.63
CA GLY B 15 -24.91 -10.34 -4.26
C GLY B 15 -24.82 -11.35 -3.12
N ARG B 16 -23.61 -11.85 -2.86
CA ARG B 16 -23.40 -12.88 -1.85
C ARG B 16 -23.18 -12.30 -0.47
N SER B 17 -23.15 -13.17 0.55
CA SER B 17 -22.90 -12.71 1.91
C SER B 17 -21.48 -13.10 2.37
N LEU B 18 -21.03 -12.46 3.45
CA LEU B 18 -19.72 -12.74 4.02
C LEU B 18 -19.72 -12.29 5.47
N ARG B 19 -19.09 -13.09 6.34
CA ARG B 19 -18.97 -12.73 7.76
C ARG B 19 -17.52 -12.48 8.12
N LEU B 20 -17.25 -11.33 8.72
CA LEU B 20 -15.91 -10.99 9.19
C LEU B 20 -15.84 -11.20 10.69
N ASP B 21 -14.68 -11.65 11.16
CA ASP B 21 -14.47 -11.90 12.59
C ASP B 21 -13.34 -11.02 13.10
N CYS B 22 -13.44 -10.61 14.36
CA CYS B 22 -12.36 -9.87 15.01
C CYS B 22 -12.23 -10.40 16.42
N LYS B 23 -11.10 -11.04 16.72
CA LYS B 23 -10.89 -11.62 18.05
C LYS B 23 -9.89 -10.81 18.86
N ALA B 24 -10.28 -10.51 20.08
CA ALA B 24 -9.52 -9.61 20.92
C ALA B 24 -8.78 -10.38 21.98
N SER B 25 -7.58 -9.92 22.30
CA SER B 25 -6.78 -10.44 23.40
C SER B 25 -6.23 -9.27 24.21
N GLY B 26 -6.11 -9.49 25.52
CA GLY B 26 -5.43 -8.53 26.37
C GLY B 26 -6.23 -7.29 26.75
N ILE B 27 -7.54 -7.32 26.53
CA ILE B 27 -8.39 -6.24 27.01
C ILE B 27 -9.64 -6.75 27.72
N THR B 28 -10.27 -5.89 28.51
CA THR B 28 -11.56 -6.22 29.10
C THR B 28 -12.62 -6.01 28.01
N PHE B 29 -12.68 -6.96 27.08
CA PHE B 29 -13.54 -6.91 25.89
C PHE B 29 -15.01 -6.70 26.23
N SER B 30 -15.46 -7.37 27.29
CA SER B 30 -16.86 -7.31 27.71
C SER B 30 -17.27 -5.90 28.12
N ASN B 31 -16.26 -5.05 28.34
CA ASN B 31 -16.50 -3.68 28.78
C ASN B 31 -16.15 -2.64 27.73
N SER B 32 -15.94 -3.07 26.50
CA SER B 32 -15.52 -2.16 25.44
C SER B 32 -16.51 -2.05 24.30
N GLY B 33 -16.87 -0.83 23.93
CA GLY B 33 -17.59 -0.61 22.69
C GLY B 33 -16.68 -1.03 21.55
N MET B 34 -17.26 -1.49 20.45
CA MET B 34 -16.46 -1.90 19.27
C MET B 34 -17.05 -1.34 18.00
N HIS B 35 -16.17 -1.03 17.04
CA HIS B 35 -16.59 -0.49 15.75
C HIS B 35 -16.04 -1.30 14.58
N TRP B 36 -16.73 -1.22 13.45
CA TRP B 36 -16.12 -1.56 12.18
C TRP B 36 -15.95 -0.28 11.37
N VAL B 37 -14.81 -0.19 10.69
CA VAL B 37 -14.44 0.93 9.82
C VAL B 37 -13.87 0.33 8.53
N ARG B 38 -14.17 0.91 7.37
CA ARG B 38 -13.62 0.31 6.16
C ARG B 38 -12.94 1.36 5.28
N GLN B 39 -12.18 0.87 4.31
CA GLN B 39 -11.39 1.73 3.46
C GLN B 39 -11.24 1.11 2.10
N ALA B 40 -11.92 1.68 1.11
CA ALA B 40 -11.77 1.27 -0.27
C ALA B 40 -10.32 1.49 -0.72
N PRO B 41 -9.86 0.71 -1.70
CA PRO B 41 -8.48 0.88 -2.17
C PRO B 41 -8.20 2.29 -2.65
N GLY B 42 -7.18 2.92 -2.09
CA GLY B 42 -6.76 4.25 -2.50
C GLY B 42 -7.64 5.36 -1.96
N LYS B 43 -8.56 5.02 -1.07
CA LYS B 43 -9.50 6.01 -0.54
C LYS B 43 -9.38 6.19 0.97
N GLY B 44 -10.31 6.96 1.52
CA GLY B 44 -10.30 7.33 2.91
C GLY B 44 -10.99 6.35 3.85
N LEU B 45 -10.97 6.69 5.12
CA LEU B 45 -11.65 5.89 6.14
C LEU B 45 -13.14 6.21 6.22
N GLU B 46 -13.98 5.17 6.37
CA GLU B 46 -15.41 5.36 6.52
C GLU B 46 -15.97 4.44 7.60
N TRP B 47 -16.61 5.03 8.59
CA TRP B 47 -17.24 4.30 9.69
C TRP B 47 -18.40 3.46 9.18
N VAL B 48 -18.50 2.24 9.70
CA VAL B 48 -19.50 1.27 9.26
C VAL B 48 -20.56 0.97 10.32
N ALA B 49 -20.12 0.67 11.54
CA ALA B 49 -21.07 0.35 12.61
C ALA B 49 -20.40 0.32 13.95
N VAL B 50 -21.22 0.41 15.01
CA VAL B 50 -20.73 0.30 16.38
C VAL B 50 -21.65 -0.62 17.18
N ILE B 51 -21.10 -1.28 18.18
CA ILE B 51 -21.93 -2.03 19.10
C ILE B 51 -21.47 -1.74 20.53
N TRP B 52 -22.44 -1.52 21.42
CA TRP B 52 -22.13 -1.27 22.82
C TRP B 52 -21.46 -2.50 23.45
N TYR B 53 -20.78 -2.27 24.56
CA TYR B 53 -20.05 -3.30 25.28
C TYR B 53 -20.88 -4.55 25.56
N ASP B 54 -22.16 -4.37 25.89
CA ASP B 54 -23.01 -5.51 26.29
C ASP B 54 -23.95 -5.93 25.17
N GLY B 55 -23.77 -5.34 23.99
CA GLY B 55 -24.53 -5.71 22.81
C GLY B 55 -25.91 -5.09 22.76
N SER B 56 -26.24 -4.27 23.75
CA SER B 56 -27.60 -3.77 23.92
C SER B 56 -27.99 -2.65 22.94
N LYS B 57 -27.00 -2.06 22.29
CA LYS B 57 -27.24 -0.97 21.34
C LYS B 57 -26.30 -1.10 20.15
N ARG B 58 -26.82 -0.89 18.94
CA ARG B 58 -25.99 -0.85 17.74
C ARG B 58 -26.42 0.30 16.84
N TYR B 59 -25.46 0.94 16.18
CA TYR B 59 -25.78 1.94 15.17
C TYR B 59 -25.01 1.62 13.90
N TYR B 60 -25.54 2.10 12.77
CA TYR B 60 -25.01 1.76 11.47
C TYR B 60 -24.88 2.97 10.54
N ALA B 61 -23.93 2.91 9.61
CA ALA B 61 -23.91 3.82 8.48
C ALA B 61 -25.16 3.60 7.62
N ASP B 62 -25.73 4.67 7.07
CA ASP B 62 -26.93 4.55 6.25
C ASP B 62 -26.77 3.52 5.14
N SER B 63 -25.60 3.49 4.52
CA SER B 63 -25.41 2.66 3.34
C SER B 63 -25.33 1.16 3.66
N VAL B 64 -25.31 0.80 4.94
CA VAL B 64 -25.36 -0.64 5.27
C VAL B 64 -26.56 -1.03 6.14
N LYS B 65 -27.38 -0.06 6.53
CA LYS B 65 -28.61 -0.37 7.28
C LYS B 65 -29.49 -1.36 6.51
N GLY B 66 -30.01 -2.36 7.22
CA GLY B 66 -30.92 -3.33 6.62
C GLY B 66 -30.16 -4.39 5.84
N ARG B 67 -28.84 -4.29 5.86
CA ARG B 67 -27.99 -5.13 5.02
C ARG B 67 -26.84 -5.77 5.79
N PHE B 68 -26.20 -5.01 6.67
CA PHE B 68 -25.13 -5.52 7.54
C PHE B 68 -25.60 -5.65 8.99
N THR B 69 -25.07 -6.62 9.72
CA THR B 69 -25.36 -6.72 11.16
C THR B 69 -24.08 -6.84 11.95
N ILE B 70 -23.92 -5.97 12.93
CA ILE B 70 -22.80 -6.08 13.86
C ILE B 70 -23.26 -6.82 15.11
N SER B 71 -22.43 -7.73 15.61
CA SER B 71 -22.80 -8.50 16.80
C SER B 71 -21.53 -8.95 17.48
N ARG B 72 -21.68 -9.52 18.67
CA ARG B 72 -20.51 -9.94 19.40
C ARG B 72 -20.79 -11.19 20.22
N ASP B 73 -19.75 -11.95 20.46
CA ASP B 73 -19.79 -13.05 21.41
C ASP B 73 -18.75 -12.77 22.48
N ASN B 74 -19.17 -12.19 23.60
CA ASN B 74 -18.22 -11.77 24.61
C ASN B 74 -17.52 -12.99 25.22
N SER B 75 -18.22 -14.12 25.23
CA SER B 75 -17.63 -15.36 25.77
C SER B 75 -16.55 -15.96 24.88
N LYS B 76 -16.45 -15.46 23.64
CA LYS B 76 -15.33 -15.79 22.75
C LYS B 76 -14.46 -14.57 22.43
N ASN B 77 -14.72 -13.45 23.10
CA ASN B 77 -14.00 -12.20 22.84
C ASN B 77 -13.98 -11.87 21.36
N THR B 78 -15.11 -12.08 20.69
CA THR B 78 -15.16 -11.93 19.24
C THR B 78 -16.25 -10.98 18.79
N LEU B 79 -15.87 -10.11 17.86
CA LEU B 79 -16.75 -9.17 17.19
C LEU B 79 -17.04 -9.68 15.78
N PHE B 80 -18.28 -9.55 15.32
CA PHE B 80 -18.67 -10.03 13.99
C PHE B 80 -19.22 -8.91 13.12
N LEU B 81 -19.02 -9.03 11.83
CA LEU B 81 -19.78 -8.22 10.88
C LEU B 81 -20.38 -9.16 9.84
N GLN B 82 -21.70 -9.33 9.85
CA GLN B 82 -22.38 -10.19 8.89
C GLN B 82 -22.89 -9.33 7.76
N MET B 83 -22.31 -9.49 6.57
CA MET B 83 -22.67 -8.66 5.45
C MET B 83 -23.59 -9.40 4.48
N ASN B 84 -24.46 -8.65 3.80
CA ASN B 84 -25.35 -9.22 2.79
C ASN B 84 -25.34 -8.38 1.52
N SER B 85 -25.72 -9.01 0.41
CA SER B 85 -25.97 -8.31 -0.87
C SER B 85 -24.79 -7.42 -1.26
N LEU B 86 -23.59 -7.97 -1.27
CA LEU B 86 -22.40 -7.19 -1.50
C LEU B 86 -22.35 -6.65 -2.94
N ARG B 87 -21.76 -5.47 -3.10
CA ARG B 87 -21.58 -4.87 -4.42
C ARG B 87 -20.13 -4.41 -4.56
N ALA B 88 -19.73 -3.96 -5.75
CA ALA B 88 -18.38 -3.46 -5.95
C ALA B 88 -18.05 -2.35 -4.98
N GLU B 89 -19.06 -1.54 -4.68
CA GLU B 89 -18.98 -0.46 -3.69
C GLU B 89 -18.45 -0.91 -2.32
N ASP B 90 -18.63 -2.18 -1.99
CA ASP B 90 -18.29 -2.70 -0.66
C ASP B 90 -16.86 -3.24 -0.59
N THR B 91 -16.19 -3.30 -1.73
CA THR B 91 -14.78 -3.71 -1.79
C THR B 91 -13.94 -2.76 -0.92
N ALA B 92 -13.26 -3.31 0.09
CA ALA B 92 -12.52 -2.50 1.04
C ALA B 92 -11.71 -3.36 1.99
N VAL B 93 -10.76 -2.73 2.66
CA VAL B 93 -10.18 -3.32 3.87
C VAL B 93 -11.09 -2.93 5.02
N TYR B 94 -11.51 -3.92 5.81
CA TYR B 94 -12.39 -3.72 6.95
C TYR B 94 -11.55 -3.81 8.21
N TYR B 95 -11.62 -2.77 9.05
CA TYR B 95 -10.91 -2.75 10.33
C TYR B 95 -11.90 -2.86 11.48
N CYS B 96 -11.51 -3.58 12.53
CA CYS B 96 -12.22 -3.47 13.80
C CYS B 96 -11.42 -2.56 14.70
N ALA B 97 -12.11 -1.83 15.56
CA ALA B 97 -11.47 -0.91 16.47
C ALA B 97 -12.25 -0.84 17.77
N THR B 98 -11.54 -0.85 18.90
CA THR B 98 -12.18 -0.56 20.17
C THR B 98 -12.58 0.90 20.18
N ASN B 99 -13.51 1.26 21.05
CA ASN B 99 -13.90 2.65 21.18
C ASN B 99 -12.76 3.51 21.71
N ASP B 100 -11.83 2.93 22.46
CA ASP B 100 -10.66 3.73 22.86
C ASP B 100 -9.48 3.57 21.87
N ASP B 101 -9.81 3.08 20.67
CA ASP B 101 -8.96 3.17 19.47
C ASP B 101 -7.71 2.27 19.40
N TYR B 102 -7.83 1.04 19.88
CA TYR B 102 -6.94 -0.03 19.42
C TYR B 102 -7.55 -0.52 18.12
N TRP B 103 -6.75 -0.68 17.07
CA TRP B 103 -7.25 -1.11 15.76
C TRP B 103 -6.70 -2.47 15.35
N GLY B 104 -7.52 -3.30 14.72
CA GLY B 104 -7.03 -4.52 14.10
C GLY B 104 -6.20 -4.24 12.84
N GLN B 105 -5.63 -5.29 12.27
CA GLN B 105 -4.73 -5.21 11.12
C GLN B 105 -5.47 -5.03 9.80
N GLY B 106 -6.79 -5.26 9.84
CA GLY B 106 -7.62 -5.18 8.65
C GLY B 106 -7.74 -6.52 7.94
N THR B 107 -8.86 -6.72 7.25
CA THR B 107 -9.02 -7.89 6.40
C THR B 107 -9.66 -7.41 5.07
N LEU B 108 -9.13 -7.87 3.96
CA LEU B 108 -9.56 -7.35 2.66
C LEU B 108 -10.77 -8.10 2.12
N VAL B 109 -11.79 -7.34 1.74
CA VAL B 109 -12.95 -7.91 1.06
C VAL B 109 -12.98 -7.41 -0.39
N THR B 110 -12.87 -8.33 -1.34
CA THR B 110 -12.91 -7.98 -2.76
C THR B 110 -14.16 -8.55 -3.43
N VAL B 111 -15.03 -7.66 -3.89
CA VAL B 111 -16.27 -8.06 -4.53
C VAL B 111 -16.12 -8.00 -6.05
N SER B 112 -16.22 -9.15 -6.72
CA SER B 112 -15.95 -9.23 -8.15
C SER B 112 -16.64 -10.41 -8.82
N SER B 113 -17.24 -10.16 -9.98
CA SER B 113 -17.88 -11.22 -10.76
C SER B 113 -16.87 -11.96 -11.61
N ALA B 114 -15.78 -11.29 -11.97
CA ALA B 114 -14.81 -11.84 -12.90
C ALA B 114 -14.12 -13.06 -12.31
N SER B 115 -13.76 -14.01 -13.17
CA SER B 115 -13.02 -15.20 -12.77
C SER B 115 -11.66 -14.81 -12.23
N THR B 116 -11.19 -15.54 -11.22
CA THR B 116 -9.85 -15.28 -10.70
C THR B 116 -8.83 -16.03 -11.52
N LYS B 117 -7.63 -15.46 -11.62
CA LYS B 117 -6.54 -16.09 -12.35
C LYS B 117 -5.23 -15.97 -11.59
N GLY B 118 -4.50 -17.07 -11.48
CA GLY B 118 -3.21 -17.05 -10.80
C GLY B 118 -2.12 -16.48 -11.68
N PRO B 119 -1.06 -15.94 -11.06
CA PRO B 119 0.02 -15.30 -11.83
C PRO B 119 1.00 -16.29 -12.45
N SER B 120 1.64 -15.87 -13.53
CA SER B 120 2.88 -16.48 -13.98
C SER B 120 4.04 -15.71 -13.33
N VAL B 121 5.04 -16.44 -12.84
CA VAL B 121 6.15 -15.83 -12.13
C VAL B 121 7.46 -16.09 -12.86
N PHE B 122 8.20 -15.02 -13.15
CA PHE B 122 9.45 -15.14 -13.90
C PHE B 122 10.61 -14.46 -13.17
N PRO B 123 11.79 -15.09 -13.18
CA PRO B 123 12.94 -14.47 -12.52
C PRO B 123 13.44 -13.23 -13.24
N LEU B 124 13.88 -12.24 -12.47
CA LEU B 124 14.64 -11.12 -13.01
C LEU B 124 16.08 -11.23 -12.51
N ALA B 125 16.99 -11.55 -13.42
CA ALA B 125 18.40 -11.64 -13.08
C ALA B 125 19.24 -10.88 -14.10
N PRO B 126 20.41 -10.39 -13.69
CA PRO B 126 21.30 -9.74 -14.66
C PRO B 126 21.80 -10.74 -15.71
N SER B 127 22.41 -10.24 -16.79
CA SER B 127 22.80 -11.13 -17.88
C SER B 127 24.20 -11.70 -17.72
N SER B 128 24.46 -12.36 -16.59
CA SER B 128 25.68 -13.16 -16.39
C SER B 128 25.82 -13.64 -14.97
N LYS B 129 26.55 -12.83 -14.20
CA LYS B 129 26.94 -13.08 -12.80
C LYS B 129 28.06 -12.08 -12.58
N SER B 130 28.76 -11.78 -13.67
CA SER B 130 29.83 -10.80 -13.67
C SER B 130 29.27 -9.40 -13.81
N THR B 131 28.83 -8.83 -12.68
CA THR B 131 28.27 -7.50 -12.67
C THR B 131 29.34 -6.48 -13.00
N SER B 132 28.92 -5.25 -13.27
CA SER B 132 29.87 -4.18 -13.49
C SER B 132 30.16 -3.44 -12.19
N GLY B 133 29.45 -3.80 -11.12
CA GLY B 133 29.64 -3.17 -9.82
C GLY B 133 29.44 -4.08 -8.61
N GLY B 134 29.61 -3.50 -7.42
CA GLY B 134 29.51 -4.24 -6.17
C GLY B 134 28.09 -4.50 -5.70
N THR B 135 27.12 -3.86 -6.35
CA THR B 135 25.71 -4.12 -6.04
C THR B 135 25.01 -4.78 -7.22
N ALA B 136 24.25 -5.84 -6.95
CA ALA B 136 23.45 -6.46 -7.98
C ALA B 136 21.98 -6.35 -7.63
N ALA B 137 21.12 -6.44 -8.64
CA ALA B 137 19.68 -6.47 -8.42
C ALA B 137 19.09 -7.75 -8.98
N LEU B 138 18.22 -8.37 -8.20
CA LEU B 138 17.45 -9.52 -8.64
C LEU B 138 15.98 -9.22 -8.43
N GLY B 139 15.13 -10.00 -9.07
CA GLY B 139 13.71 -9.75 -8.95
C GLY B 139 12.86 -10.86 -9.52
N CYS B 140 11.54 -10.69 -9.41
CA CYS B 140 10.61 -11.58 -10.07
C CYS B 140 9.46 -10.80 -10.68
N LEU B 141 9.14 -11.17 -11.92
CA LEU B 141 7.99 -10.62 -12.60
C LEU B 141 6.78 -11.48 -12.28
N VAL B 142 5.77 -10.86 -11.68
CA VAL B 142 4.53 -11.55 -11.34
C VAL B 142 3.47 -11.09 -12.32
N LYS B 143 3.17 -11.95 -13.31
CA LYS B 143 2.42 -11.48 -14.47
C LYS B 143 1.04 -12.10 -14.66
N ASP B 144 0.09 -11.26 -15.06
CA ASP B 144 -1.24 -11.69 -15.52
C ASP B 144 -2.06 -12.40 -14.46
N TYR B 145 -2.43 -11.68 -13.40
CA TYR B 145 -3.31 -12.26 -12.39
C TYR B 145 -4.54 -11.39 -12.17
N PHE B 146 -5.55 -11.97 -11.53
CA PHE B 146 -6.76 -11.25 -11.16
C PHE B 146 -7.46 -12.01 -10.05
N PRO B 147 -7.99 -11.27 -9.05
CA PRO B 147 -7.83 -9.83 -8.86
C PRO B 147 -6.60 -9.52 -8.00
N GLU B 148 -6.41 -8.25 -7.67
CA GLU B 148 -5.42 -7.88 -6.65
C GLU B 148 -5.86 -8.47 -5.31
N PRO B 149 -4.91 -8.72 -4.39
CA PRO B 149 -3.49 -8.44 -4.47
C PRO B 149 -2.63 -9.71 -4.53
N VAL B 150 -1.36 -9.53 -4.87
CA VAL B 150 -0.37 -10.55 -4.62
C VAL B 150 0.58 -9.97 -3.59
N THR B 151 1.13 -10.83 -2.73
CA THR B 151 2.16 -10.40 -1.79
C THR B 151 3.43 -11.17 -2.09
N VAL B 152 4.58 -10.54 -1.86
CA VAL B 152 5.86 -11.16 -2.14
C VAL B 152 6.79 -11.03 -0.94
N SER B 153 7.46 -12.13 -0.59
CA SER B 153 8.56 -12.07 0.36
C SER B 153 9.81 -12.63 -0.30
N TRP B 154 10.95 -12.44 0.34
CA TRP B 154 12.19 -13.01 -0.15
C TRP B 154 12.81 -13.89 0.94
N ASN B 155 13.28 -15.07 0.54
CA ASN B 155 13.83 -16.06 1.47
C ASN B 155 12.94 -16.24 2.71
N SER B 156 11.63 -16.36 2.47
CA SER B 156 10.63 -16.57 3.52
C SER B 156 10.63 -15.48 4.59
N GLY B 157 10.94 -14.24 4.18
CA GLY B 157 10.90 -13.12 5.10
C GLY B 157 12.21 -12.87 5.85
N ALA B 158 13.24 -13.67 5.53
CA ALA B 158 14.55 -13.48 6.14
C ALA B 158 15.32 -12.38 5.42
N LEU B 159 14.84 -12.03 4.23
CA LEU B 159 15.46 -10.97 3.43
C LEU B 159 14.47 -9.84 3.26
N THR B 160 14.74 -8.71 3.91
CA THR B 160 13.81 -7.58 3.86
C THR B 160 14.50 -6.29 3.43
N SER B 161 15.73 -6.08 3.88
CA SER B 161 16.42 -4.85 3.54
C SER B 161 16.75 -4.81 2.05
N GLY B 162 16.42 -3.69 1.39
CA GLY B 162 16.71 -3.53 -0.02
C GLY B 162 15.59 -4.03 -0.93
N VAL B 163 14.53 -4.57 -0.32
CA VAL B 163 13.39 -5.08 -1.09
C VAL B 163 12.39 -3.98 -1.50
N HIS B 164 12.01 -3.99 -2.77
CA HIS B 164 10.98 -3.10 -3.28
C HIS B 164 9.98 -3.89 -4.09
N THR B 165 8.72 -3.89 -3.66
CA THR B 165 7.66 -4.55 -4.41
C THR B 165 6.75 -3.48 -4.99
N PHE B 166 6.72 -3.41 -6.32
CA PHE B 166 6.00 -2.35 -7.00
C PHE B 166 4.49 -2.51 -6.96
N PRO B 167 3.77 -1.38 -6.94
CA PRO B 167 2.31 -1.40 -7.10
C PRO B 167 1.95 -2.02 -8.44
N ALA B 168 0.94 -2.87 -8.44
CA ALA B 168 0.51 -3.52 -9.66
C ALA B 168 0.07 -2.53 -10.73
N VAL B 169 0.26 -2.93 -11.97
CA VAL B 169 -0.21 -2.18 -13.12
C VAL B 169 -1.31 -2.98 -13.80
N LEU B 170 -2.37 -2.30 -14.21
CA LEU B 170 -3.47 -2.95 -14.93
C LEU B 170 -3.18 -3.00 -16.42
N GLN B 171 -3.23 -4.19 -17.00
CA GLN B 171 -2.93 -4.38 -18.41
C GLN B 171 -4.16 -4.23 -19.30
N SER B 172 -3.92 -4.13 -20.60
CA SER B 172 -4.97 -4.19 -21.60
C SER B 172 -5.74 -5.51 -21.48
N SER B 173 -5.04 -6.54 -21.01
CA SER B 173 -5.63 -7.84 -20.73
C SER B 173 -6.82 -7.71 -19.78
N GLY B 174 -6.77 -6.69 -18.92
CA GLY B 174 -7.72 -6.55 -17.85
C GLY B 174 -7.13 -7.20 -16.61
N LEU B 175 -5.95 -7.79 -16.79
CA LEU B 175 -5.22 -8.46 -15.72
C LEU B 175 -4.19 -7.53 -15.09
N TYR B 176 -3.60 -7.99 -13.98
CA TYR B 176 -2.58 -7.21 -13.27
C TYR B 176 -1.19 -7.82 -13.44
N SER B 177 -0.19 -6.96 -13.39
CA SER B 177 1.21 -7.39 -13.35
C SER B 177 1.99 -6.52 -12.38
N LEU B 178 2.97 -7.10 -11.71
CA LEU B 178 3.93 -6.32 -10.93
C LEU B 178 5.29 -6.99 -10.95
N SER B 179 6.25 -6.37 -10.28
CA SER B 179 7.52 -7.02 -10.04
C SER B 179 7.98 -6.70 -8.63
N SER B 180 8.81 -7.58 -8.09
CA SER B 180 9.46 -7.34 -6.81
C SER B 180 10.95 -7.44 -7.05
N VAL B 181 11.70 -6.48 -6.56
CA VAL B 181 13.15 -6.54 -6.75
C VAL B 181 13.84 -6.42 -5.41
N VAL B 182 15.10 -6.83 -5.38
CA VAL B 182 15.93 -6.65 -4.22
C VAL B 182 17.36 -6.38 -4.68
N THR B 183 18.07 -5.50 -3.98
CA THR B 183 19.49 -5.30 -4.27
C THR B 183 20.34 -6.02 -3.22
N VAL B 184 21.41 -6.66 -3.67
CA VAL B 184 22.25 -7.49 -2.81
C VAL B 184 23.72 -7.32 -3.22
N PRO B 185 24.67 -7.70 -2.36
CA PRO B 185 26.07 -7.59 -2.80
C PRO B 185 26.37 -8.56 -3.93
N SER B 186 27.05 -8.06 -4.97
CA SER B 186 27.48 -8.89 -6.09
C SER B 186 28.29 -10.10 -5.65
N SER B 187 29.06 -9.93 -4.57
CA SER B 187 29.90 -11.01 -4.05
C SER B 187 29.07 -12.18 -3.54
N SER B 188 27.83 -11.91 -3.16
CA SER B 188 26.94 -12.96 -2.63
C SER B 188 26.34 -13.80 -3.75
N LEU B 189 26.44 -13.31 -4.98
CA LEU B 189 25.98 -14.05 -6.15
C LEU B 189 26.83 -15.31 -6.33
N GLY B 190 26.23 -16.46 -6.04
CA GLY B 190 26.96 -17.72 -6.12
C GLY B 190 27.10 -18.34 -4.75
N THR B 191 27.13 -17.51 -3.72
CA THR B 191 27.18 -17.97 -2.34
C THR B 191 25.77 -18.16 -1.79
N GLN B 192 24.93 -17.15 -1.99
CA GLN B 192 23.62 -17.08 -1.35
C GLN B 192 22.47 -17.40 -2.31
N THR B 193 21.55 -18.26 -1.88
CA THR B 193 20.37 -18.55 -2.68
C THR B 193 19.33 -17.46 -2.47
N TYR B 194 18.72 -17.03 -3.57
CA TYR B 194 17.68 -16.01 -3.50
C TYR B 194 16.40 -16.56 -4.10
N ILE B 195 15.36 -16.58 -3.28
CA ILE B 195 14.06 -17.11 -3.65
C ILE B 195 13.00 -16.08 -3.34
N CYS B 196 12.16 -15.78 -4.33
CA CYS B 196 10.99 -14.94 -4.09
C CYS B 196 9.82 -15.85 -3.73
N ASN B 197 9.02 -15.43 -2.76
CA ASN B 197 7.84 -16.18 -2.38
C ASN B 197 6.60 -15.40 -2.78
N VAL B 198 5.92 -15.87 -3.82
CA VAL B 198 4.75 -15.18 -4.36
C VAL B 198 3.47 -15.83 -3.82
N ASN B 199 2.53 -15.01 -3.37
CA ASN B 199 1.26 -15.53 -2.84
C ASN B 199 0.05 -14.79 -3.43
N HIS B 200 -0.82 -15.53 -4.11
CA HIS B 200 -2.05 -14.93 -4.63
C HIS B 200 -3.23 -15.71 -4.10
N LYS B 201 -3.68 -15.30 -2.92
CA LYS B 201 -4.75 -16.00 -2.21
C LYS B 201 -6.04 -16.18 -3.02
N PRO B 202 -6.45 -15.18 -3.83
CA PRO B 202 -7.69 -15.39 -4.59
C PRO B 202 -7.69 -16.63 -5.50
N SER B 203 -6.53 -17.01 -6.02
CA SER B 203 -6.47 -18.19 -6.89
C SER B 203 -5.77 -19.37 -6.23
N ASN B 204 -5.55 -19.27 -4.92
CA ASN B 204 -4.92 -20.32 -4.15
C ASN B 204 -3.53 -20.66 -4.68
N THR B 205 -2.82 -19.65 -5.16
CA THR B 205 -1.53 -19.84 -5.83
C THR B 205 -0.36 -19.38 -4.97
N LYS B 206 0.66 -20.22 -4.87
CA LYS B 206 1.91 -19.85 -4.20
C LYS B 206 3.08 -20.38 -5.02
N VAL B 207 3.98 -19.49 -5.41
CA VAL B 207 5.10 -19.82 -6.29
C VAL B 207 6.41 -19.33 -5.70
N ASP B 208 7.49 -20.08 -5.89
CA ASP B 208 8.79 -19.69 -5.32
C ASP B 208 10.01 -19.62 -6.25
N LYS B 209 9.97 -18.81 -7.31
CA LYS B 209 11.15 -18.56 -8.11
C LYS B 209 11.99 -17.45 -7.51
#